data_1PFV
#
_entry.id   1PFV
#
_cell.length_a   78.573
_cell.length_b   45.221
_cell.length_c   86.068
_cell.angle_alpha   90.00
_cell.angle_beta   107.37
_cell.angle_gamma   90.00
#
_symmetry.space_group_name_H-M   'P 1 21 1'
#
loop_
_entity.id
_entity.type
_entity.pdbx_description
1 polymer 'Methionyl-tRNA synthetase'
2 non-polymer 'ZINC ION'
3 non-polymer S-(DIFLUOROMETHYL)HOMOCYSTEINE
4 water water
#
_entity_poly.entity_id   1
_entity_poly.type   'polypeptide(L)'
_entity_poly.pdbx_seq_one_letter_code
;TQVAKKILVTCALPYANGSIHLGHMLEHIQADVWVRYQRMRGHEVNFICADDAHGTPIMLKAQQLGITPEQMIGEMSQEH
QTDFAGFNISYDNYHSTHSEENRQLSELIYSRLKENGFIKNRTISQLYDPEKGMFLPDRFVKGTCPKCKSPDQYGDNCEV
CGATYSPTELIEPKSVVSGATPVMRDSEHFFFDLPSFSEMLQAWTRSGALQEQVANKMQEWFESGLQQWDISRDAPYFGF
EIPNAPGKYFYVWLDAPIGYMGSFKNLCDKRGDSVSFDEYWKKDSTAELYHFIGKDIVYFHSLFWPAMLEGSNFRKPSNL
FVHGYVTVNGAKMSKSRGTFIKASTWLNHFDADSLRYYYTAKLSSRIDDIDLNLEDFVQRVNADIVNKVVNLASRNAGFI
NKRFDGVLASELADPQLYKTFTDAAEVIGEAWESREFGKAVREIMALADLANRYVDEQAPWVVAKQEGRDADLQAICSMG
INLFRVLMTYLKPVLPKLTERAEAFLNTELTWDGIQQPLLGHKVNPFKALYNRIDMRQVEALVEASKEEVK
;
_entity_poly.pdbx_strand_id   A
#
loop_
_chem_comp.id
_chem_comp.type
_chem_comp.name
_chem_comp.formula
ZN non-polymer 'ZINC ION' 'Zn 2'
#
# COMPACT_ATOMS: atom_id res chain seq x y z
N ALA A 4 -7.18 7.11 23.82
CA ALA A 4 -7.18 6.56 22.43
C ALA A 4 -6.24 7.35 21.53
N LYS A 5 -5.34 6.65 20.87
CA LYS A 5 -4.39 7.28 19.96
C LYS A 5 -5.11 7.82 18.73
N LYS A 6 -4.59 8.90 18.18
CA LYS A 6 -5.12 9.48 16.94
C LYS A 6 -4.02 9.16 15.94
N ILE A 7 -4.38 8.45 14.88
CA ILE A 7 -3.39 8.06 13.88
C ILE A 7 -3.84 8.38 12.47
N LEU A 8 -2.95 8.98 11.68
CA LEU A 8 -3.23 9.28 10.28
C LEU A 8 -2.23 8.43 9.50
N VAL A 9 -2.74 7.53 8.67
CA VAL A 9 -1.92 6.63 7.88
C VAL A 9 -2.15 6.85 6.40
N THR A 10 -1.08 6.85 5.61
CA THR A 10 -1.20 7.03 4.17
C THR A 10 -0.44 5.95 3.40
N CYS A 11 -0.77 5.82 2.13
CA CYS A 11 -0.08 4.91 1.21
C CYS A 11 0.37 5.87 0.13
N ALA A 12 1.41 5.51 -0.61
CA ALA A 12 1.89 6.38 -1.68
C ALA A 12 0.76 6.61 -2.69
N LEU A 13 0.71 7.83 -3.22
CA LEU A 13 -0.33 8.19 -4.18
C LEU A 13 -0.02 7.64 -5.56
N PRO A 14 -0.87 6.72 -6.06
CA PRO A 14 -0.65 6.12 -7.38
C PRO A 14 -0.75 7.13 -8.53
N TYR A 15 0.15 7.03 -9.50
CA TYR A 15 0.10 7.93 -10.65
C TYR A 15 -1.14 7.63 -11.48
N ALA A 16 -1.78 8.69 -11.99
CA ALA A 16 -3.01 8.56 -12.76
C ALA A 16 -2.83 8.10 -14.20
N ASN A 17 -1.61 7.78 -14.62
CA ASN A 17 -1.41 7.35 -16.00
C ASN A 17 -1.06 5.87 -16.14
N GLY A 18 -1.52 5.06 -15.19
CA GLY A 18 -1.26 3.63 -15.24
C GLY A 18 -2.19 2.86 -14.34
N SER A 19 -2.46 1.60 -14.70
CA SER A 19 -3.34 0.75 -13.91
C SER A 19 -2.63 0.21 -12.67
N ILE A 20 -3.42 -0.17 -11.66
CA ILE A 20 -2.85 -0.71 -10.43
C ILE A 20 -2.37 -2.14 -10.67
N HIS A 21 -1.14 -2.44 -10.26
CA HIS A 21 -0.62 -3.80 -10.44
C HIS A 21 -0.26 -4.43 -9.10
N LEU A 22 0.21 -5.67 -9.12
CA LEU A 22 0.54 -6.36 -7.88
C LEU A 22 1.57 -5.63 -7.01
N GLY A 23 2.38 -4.79 -7.63
CA GLY A 23 3.37 -4.01 -6.89
C GLY A 23 2.68 -3.03 -5.98
N HIS A 24 1.72 -2.29 -6.52
CA HIS A 24 0.95 -1.34 -5.72
C HIS A 24 0.23 -2.09 -4.61
N MET A 25 -0.37 -3.22 -4.97
CA MET A 25 -1.14 -3.96 -3.99
C MET A 25 -0.38 -4.39 -2.75
N LEU A 26 0.91 -4.70 -2.89
CA LEU A 26 1.69 -5.09 -1.72
C LEU A 26 1.64 -3.97 -0.68
N GLU A 27 1.85 -2.75 -1.15
CA GLU A 27 1.85 -1.59 -0.26
C GLU A 27 0.50 -1.29 0.38
N HIS A 28 -0.56 -1.28 -0.44
CA HIS A 28 -1.88 -0.99 0.08
C HIS A 28 -2.38 -2.09 1.01
N ILE A 29 -2.02 -3.33 0.72
CA ILE A 29 -2.43 -4.43 1.58
C ILE A 29 -1.68 -4.37 2.91
N GLN A 30 -0.38 -4.07 2.85
CA GLN A 30 0.40 -3.99 4.09
C GLN A 30 -0.19 -2.91 5.00
N ALA A 31 -0.47 -1.75 4.43
CA ALA A 31 -1.02 -0.65 5.21
C ALA A 31 -2.41 -1.01 5.73
N ASP A 32 -3.23 -1.62 4.89
CA ASP A 32 -4.57 -1.97 5.31
C ASP A 32 -4.60 -2.95 6.48
N VAL A 33 -3.70 -3.92 6.47
CA VAL A 33 -3.64 -4.90 7.56
C VAL A 33 -3.29 -4.15 8.84
N TRP A 34 -2.30 -3.27 8.76
CA TRP A 34 -1.88 -2.50 9.93
C TRP A 34 -3.02 -1.61 10.42
N VAL A 35 -3.69 -0.92 9.50
CA VAL A 35 -4.79 -0.05 9.83
C VAL A 35 -5.95 -0.80 10.48
N ARG A 36 -6.32 -1.94 9.92
CA ARG A 36 -7.41 -2.72 10.49
C ARG A 36 -7.06 -3.17 11.91
N TYR A 37 -5.80 -3.51 12.13
CA TYR A 37 -5.38 -3.93 13.47
C TYR A 37 -5.50 -2.74 14.44
N GLN A 38 -5.03 -1.57 14.00
CA GLN A 38 -5.12 -0.39 14.86
C GLN A 38 -6.57 -0.08 15.22
N ARG A 39 -7.48 -0.24 14.26
CA ARG A 39 -8.89 0.02 14.53
C ARG A 39 -9.42 -1.00 15.55
N MET A 40 -8.96 -2.25 15.44
CA MET A 40 -9.40 -3.29 16.36
C MET A 40 -8.96 -3.01 17.80
N ARG A 41 -7.88 -2.26 17.96
CA ARG A 41 -7.40 -1.94 19.30
C ARG A 41 -8.02 -0.65 19.83
N GLY A 42 -9.03 -0.14 19.12
CA GLY A 42 -9.76 1.04 19.56
C GLY A 42 -9.23 2.44 19.30
N HIS A 43 -8.23 2.56 18.45
CA HIS A 43 -7.67 3.88 18.16
C HIS A 43 -8.47 4.64 17.11
N GLU A 44 -8.29 5.96 17.08
CA GLU A 44 -8.94 6.80 16.08
C GLU A 44 -7.98 6.74 14.90
N VAL A 45 -8.41 6.12 13.82
CA VAL A 45 -7.55 5.98 12.64
C VAL A 45 -8.12 6.62 11.40
N ASN A 46 -7.27 7.33 10.67
CA ASN A 46 -7.66 7.94 9.41
C ASN A 46 -6.69 7.42 8.36
N PHE A 47 -7.20 6.56 7.49
CA PHE A 47 -6.43 5.92 6.41
C PHE A 47 -6.71 6.74 5.15
N ILE A 48 -5.67 7.40 4.66
CA ILE A 48 -5.79 8.33 3.55
C ILE A 48 -4.94 8.04 2.31
N CYS A 49 -5.51 8.30 1.13
CA CYS A 49 -4.77 8.13 -0.11
C CYS A 49 -5.41 9.01 -1.17
N ALA A 50 -4.89 8.94 -2.38
CA ALA A 50 -5.38 9.77 -3.47
C ALA A 50 -4.56 9.46 -4.72
N ASP A 51 -5.05 9.90 -5.87
CA ASP A 51 -4.33 9.71 -7.11
C ASP A 51 -3.38 10.89 -7.30
N ASP A 52 -2.18 10.61 -7.81
CA ASP A 52 -1.15 11.61 -8.10
C ASP A 52 -1.47 11.94 -9.56
N ALA A 53 -2.13 13.07 -9.77
CA ALA A 53 -2.63 13.43 -11.10
C ALA A 53 -1.96 14.50 -11.96
N HIS A 54 -0.82 15.03 -11.53
CA HIS A 54 -0.15 16.07 -12.31
C HIS A 54 1.10 15.59 -13.05
N GLY A 55 1.64 16.44 -13.91
CA GLY A 55 2.85 16.09 -14.63
C GLY A 55 2.75 16.07 -16.15
N THR A 56 3.91 16.20 -16.80
CA THR A 56 3.98 16.21 -18.25
C THR A 56 3.51 14.89 -18.85
N PRO A 57 3.90 13.74 -18.26
CA PRO A 57 3.46 12.46 -18.82
C PRO A 57 1.94 12.39 -18.95
N ILE A 58 1.25 12.84 -17.92
CA ILE A 58 -0.20 12.84 -17.90
C ILE A 58 -0.77 13.81 -18.93
N MET A 59 -0.16 14.98 -19.03
CA MET A 59 -0.63 15.99 -19.98
C MET A 59 -0.53 15.48 -21.42
N LEU A 60 0.59 14.85 -21.73
CA LEU A 60 0.83 14.33 -23.07
C LEU A 60 -0.05 13.12 -23.39
N LYS A 61 -0.31 12.28 -22.41
CA LYS A 61 -1.16 11.11 -22.66
C LYS A 61 -2.57 11.57 -23.00
N ALA A 62 -3.08 12.53 -22.23
CA ALA A 62 -4.41 13.05 -22.48
C ALA A 62 -4.52 13.56 -23.92
N GLN A 63 -3.51 14.32 -24.34
CA GLN A 63 -3.49 14.88 -25.69
C GLN A 63 -3.48 13.80 -26.77
N GLN A 64 -2.82 12.68 -26.49
CA GLN A 64 -2.76 11.58 -27.45
C GLN A 64 -4.12 10.90 -27.56
N LEU A 65 -4.76 10.67 -26.41
CA LEU A 65 -6.07 10.03 -26.37
C LEU A 65 -7.16 10.97 -26.87
N GLY A 66 -6.80 12.23 -27.09
CA GLY A 66 -7.76 13.20 -27.58
C GLY A 66 -8.79 13.63 -26.55
N ILE A 67 -8.41 13.67 -25.29
CA ILE A 67 -9.30 14.08 -24.21
C ILE A 67 -8.60 14.99 -23.23
N THR A 68 -9.37 15.76 -22.46
CA THR A 68 -8.81 16.67 -21.47
C THR A 68 -8.12 15.86 -20.37
N PRO A 69 -7.07 16.43 -19.76
CA PRO A 69 -6.36 15.71 -18.70
C PRO A 69 -7.34 15.39 -17.57
N GLU A 70 -8.29 16.30 -17.36
CA GLU A 70 -9.29 16.14 -16.32
C GLU A 70 -10.16 14.90 -16.56
N GLN A 71 -10.55 14.69 -17.81
CA GLN A 71 -11.37 13.53 -18.12
C GLN A 71 -10.58 12.25 -17.90
N MET A 72 -9.34 12.24 -18.38
CA MET A 72 -8.48 11.07 -18.24
C MET A 72 -8.18 10.71 -16.79
N ILE A 73 -7.80 11.70 -15.97
CA ILE A 73 -7.50 11.40 -14.58
C ILE A 73 -8.77 10.99 -13.83
N GLY A 74 -9.91 11.49 -14.28
CA GLY A 74 -11.15 11.13 -13.62
C GLY A 74 -11.47 9.67 -13.86
N GLU A 75 -11.22 9.21 -15.07
CA GLU A 75 -11.48 7.82 -15.43
C GLU A 75 -10.50 6.90 -14.71
N MET A 76 -9.24 7.31 -14.62
CA MET A 76 -8.24 6.51 -13.94
C MET A 76 -8.49 6.46 -12.44
N SER A 77 -8.98 7.56 -11.88
CA SER A 77 -9.28 7.61 -10.45
C SER A 77 -10.34 6.56 -10.15
N GLN A 78 -11.36 6.49 -10.99
CA GLN A 78 -12.44 5.52 -10.80
C GLN A 78 -11.91 4.10 -10.94
N GLU A 79 -11.03 3.88 -11.91
CA GLU A 79 -10.46 2.55 -12.13
C GLU A 79 -9.66 2.12 -10.90
N HIS A 80 -8.82 3.02 -10.40
CA HIS A 80 -8.00 2.72 -9.23
C HIS A 80 -8.83 2.38 -8.01
N GLN A 81 -9.84 3.21 -7.74
CA GLN A 81 -10.68 2.98 -6.57
C GLN A 81 -11.49 1.69 -6.68
N THR A 82 -11.87 1.31 -7.89
CA THR A 82 -12.62 0.08 -8.06
C THR A 82 -11.71 -1.10 -7.71
N ASP A 83 -10.46 -1.03 -8.15
CA ASP A 83 -9.49 -2.09 -7.86
C ASP A 83 -9.19 -2.18 -6.37
N PHE A 84 -8.93 -1.05 -5.74
CA PHE A 84 -8.63 -1.04 -4.30
C PHE A 84 -9.84 -1.54 -3.50
N ALA A 85 -11.03 -1.19 -3.95
CA ALA A 85 -12.24 -1.63 -3.27
C ALA A 85 -12.36 -3.16 -3.40
N GLY A 86 -11.91 -3.68 -4.54
CA GLY A 86 -11.95 -5.11 -4.78
C GLY A 86 -11.03 -5.88 -3.84
N PHE A 87 -10.01 -5.21 -3.33
CA PHE A 87 -9.08 -5.82 -2.39
C PHE A 87 -9.40 -5.42 -0.97
N ASN A 88 -10.52 -4.73 -0.80
CA ASN A 88 -10.99 -4.28 0.50
C ASN A 88 -9.99 -3.41 1.25
N ILE A 89 -9.38 -2.46 0.55
CA ILE A 89 -8.46 -1.53 1.20
C ILE A 89 -9.42 -0.49 1.79
N SER A 90 -9.48 -0.43 3.12
CA SER A 90 -10.42 0.42 3.84
C SER A 90 -10.10 1.90 4.04
N TYR A 91 -9.86 2.63 2.96
CA TYR A 91 -9.56 4.06 3.10
C TYR A 91 -10.73 4.80 3.70
N ASP A 92 -10.41 5.84 4.47
CA ASP A 92 -11.43 6.69 5.05
C ASP A 92 -11.67 7.79 4.02
N ASN A 93 -10.68 8.00 3.14
CA ASN A 93 -10.80 8.98 2.06
C ASN A 93 -9.79 8.71 0.95
N TYR A 94 -10.25 8.82 -0.29
CA TYR A 94 -9.39 8.65 -1.46
C TYR A 94 -9.70 9.89 -2.31
N HIS A 95 -8.74 10.80 -2.39
CA HIS A 95 -8.91 12.05 -3.10
C HIS A 95 -8.04 12.18 -4.34
N SER A 96 -7.56 13.39 -4.62
CA SER A 96 -6.73 13.64 -5.78
C SER A 96 -5.78 14.81 -5.52
N THR A 97 -4.61 14.77 -6.13
CA THR A 97 -3.67 15.89 -5.97
C THR A 97 -4.20 17.04 -6.81
N HIS A 98 -5.10 16.73 -7.75
CA HIS A 98 -5.69 17.76 -8.58
C HIS A 98 -7.03 18.10 -7.92
N SER A 99 -6.97 18.95 -6.90
CA SER A 99 -8.15 19.35 -6.15
C SER A 99 -7.92 20.73 -5.58
N GLU A 100 -9.02 21.36 -5.15
CA GLU A 100 -8.92 22.70 -4.59
C GLU A 100 -8.20 22.65 -3.26
N GLU A 101 -8.40 21.57 -2.50
CA GLU A 101 -7.72 21.44 -1.21
C GLU A 101 -6.21 21.44 -1.43
N ASN A 102 -5.74 20.65 -2.39
CA ASN A 102 -4.31 20.58 -2.65
C ASN A 102 -3.77 21.86 -3.25
N ARG A 103 -4.57 22.53 -4.08
CA ARG A 103 -4.10 23.78 -4.67
C ARG A 103 -3.86 24.82 -3.59
N GLN A 104 -4.82 24.99 -2.68
CA GLN A 104 -4.67 25.97 -1.62
C GLN A 104 -3.52 25.63 -0.67
N LEU A 105 -3.36 24.35 -0.36
CA LEU A 105 -2.30 23.94 0.53
C LEU A 105 -0.92 24.08 -0.12
N SER A 106 -0.84 23.79 -1.41
CA SER A 106 0.42 23.91 -2.13
C SER A 106 0.82 25.39 -2.19
N GLU A 107 -0.15 26.25 -2.46
CA GLU A 107 0.13 27.68 -2.53
C GLU A 107 0.52 28.20 -1.16
N LEU A 108 -0.12 27.68 -0.12
CA LEU A 108 0.16 28.10 1.24
C LEU A 108 1.57 27.73 1.65
N ILE A 109 1.93 26.47 1.45
CA ILE A 109 3.25 26.00 1.81
C ILE A 109 4.32 26.74 1.00
N TYR A 110 4.09 26.90 -0.29
CA TYR A 110 5.05 27.62 -1.11
C TYR A 110 5.27 29.03 -0.59
N SER A 111 4.17 29.71 -0.27
CA SER A 111 4.24 31.08 0.24
C SER A 111 5.03 31.16 1.54
N ARG A 112 4.80 30.19 2.42
CA ARG A 112 5.52 30.18 3.70
C ARG A 112 7.00 29.88 3.49
N LEU A 113 7.31 28.96 2.59
CA LEU A 113 8.70 28.63 2.31
C LEU A 113 9.43 29.83 1.72
N LYS A 114 8.74 30.55 0.84
CA LYS A 114 9.33 31.72 0.20
C LYS A 114 9.54 32.84 1.22
N GLU A 115 8.54 33.03 2.07
CA GLU A 115 8.58 34.05 3.10
C GLU A 115 9.70 33.75 4.10
N ASN A 116 9.97 32.46 4.31
CA ASN A 116 11.02 32.05 5.24
C ASN A 116 12.40 31.97 4.61
N GLY A 117 12.50 32.40 3.35
CA GLY A 117 13.78 32.40 2.65
C GLY A 117 14.28 31.06 2.15
N PHE A 118 13.37 30.11 1.93
CA PHE A 118 13.78 28.79 1.46
C PHE A 118 13.58 28.57 -0.04
N ILE A 119 13.18 29.62 -0.75
CA ILE A 119 12.98 29.52 -2.19
C ILE A 119 13.97 30.42 -2.94
N LYS A 120 14.69 29.83 -3.89
CA LYS A 120 15.67 30.57 -4.67
C LYS A 120 15.31 30.60 -6.15
N ASN A 121 15.75 31.65 -6.85
CA ASN A 121 15.50 31.81 -8.28
C ASN A 121 16.79 31.52 -9.04
N ARG A 122 16.69 30.74 -10.11
CA ARG A 122 17.88 30.40 -10.89
C ARG A 122 17.54 30.08 -12.33
N THR A 123 18.38 30.53 -13.25
CA THR A 123 18.16 30.28 -14.68
C THR A 123 18.89 29.01 -15.10
N ILE A 124 18.21 28.15 -15.85
CA ILE A 124 18.81 26.91 -16.32
C ILE A 124 18.61 26.73 -17.83
N SER A 125 19.41 25.85 -18.42
CA SER A 125 19.33 25.57 -19.85
C SER A 125 18.75 24.16 -20.02
N GLN A 126 17.82 24.00 -20.94
CA GLN A 126 17.19 22.70 -21.17
C GLN A 126 16.71 22.51 -22.61
N LEU A 127 16.67 21.27 -23.06
CA LEU A 127 16.21 20.96 -24.42
C LEU A 127 14.80 21.50 -24.59
N TYR A 128 14.55 22.12 -25.74
CA TYR A 128 13.26 22.72 -26.03
C TYR A 128 12.72 22.34 -27.41
N ASP A 129 11.43 22.02 -27.47
CA ASP A 129 10.77 21.67 -28.73
C ASP A 129 10.17 22.97 -29.25
N PRO A 130 10.81 23.60 -30.25
CA PRO A 130 10.33 24.86 -30.84
C PRO A 130 9.03 24.72 -31.62
N GLU A 131 8.79 23.53 -32.14
CA GLU A 131 7.58 23.27 -32.92
C GLU A 131 6.37 23.16 -32.00
N LYS A 132 6.45 22.24 -31.04
CA LYS A 132 5.37 22.03 -30.09
C LYS A 132 5.36 23.18 -29.09
N GLY A 133 6.53 23.77 -28.86
CA GLY A 133 6.65 24.88 -27.93
C GLY A 133 6.63 24.44 -26.48
N MET A 134 7.52 23.50 -26.13
CA MET A 134 7.57 23.01 -24.75
C MET A 134 8.95 22.42 -24.43
N PHE A 135 9.38 22.58 -23.18
CA PHE A 135 10.66 22.01 -22.78
C PHE A 135 10.46 20.51 -22.72
N LEU A 136 11.49 19.75 -23.04
CA LEU A 136 11.39 18.30 -23.06
C LEU A 136 12.12 17.57 -21.94
N PRO A 137 11.38 16.77 -21.14
CA PRO A 137 12.07 16.04 -20.08
C PRO A 137 12.93 15.03 -20.82
N ASP A 138 13.96 14.50 -20.17
CA ASP A 138 14.85 13.56 -20.84
C ASP A 138 14.18 12.44 -21.63
N ARG A 139 13.19 11.77 -21.03
CA ARG A 139 12.49 10.67 -21.69
C ARG A 139 11.72 11.03 -22.95
N PHE A 140 11.59 12.33 -23.24
CA PHE A 140 10.88 12.75 -24.44
C PHE A 140 11.84 13.28 -25.50
N VAL A 141 13.10 12.86 -25.38
CA VAL A 141 14.13 13.23 -26.33
C VAL A 141 14.73 11.93 -26.85
N LYS A 142 14.78 11.79 -28.16
CA LYS A 142 15.33 10.58 -28.76
C LYS A 142 16.35 10.93 -29.84
N GLY A 143 17.22 9.96 -30.15
CA GLY A 143 18.23 10.19 -31.16
C GLY A 143 19.18 9.03 -31.28
N THR A 144 20.33 9.29 -31.90
CA THR A 144 21.34 8.27 -32.11
C THR A 144 22.39 8.30 -30.99
N CYS A 145 22.70 7.12 -30.44
CA CYS A 145 23.68 7.01 -29.37
C CYS A 145 25.06 7.52 -29.80
N PRO A 146 25.65 8.42 -28.99
CA PRO A 146 26.96 9.01 -29.27
C PRO A 146 28.09 7.98 -29.33
N LYS A 147 27.94 6.91 -28.57
CA LYS A 147 28.96 5.87 -28.51
C LYS A 147 28.91 4.85 -29.64
N CYS A 148 27.88 4.01 -29.65
CA CYS A 148 27.74 2.97 -30.67
C CYS A 148 27.01 3.41 -31.95
N LYS A 149 26.45 4.61 -31.93
CA LYS A 149 25.73 5.15 -33.08
C LYS A 149 24.42 4.42 -33.38
N SER A 150 23.85 3.73 -32.38
CA SER A 150 22.60 3.03 -32.56
C SER A 150 21.47 4.06 -32.64
N PRO A 151 20.60 3.93 -33.66
CA PRO A 151 19.49 4.88 -33.83
C PRO A 151 18.29 4.62 -32.89
N ASP A 152 17.43 5.63 -32.81
CA ASP A 152 16.21 5.56 -32.00
C ASP A 152 16.38 5.25 -30.52
N GLN A 153 17.31 5.94 -29.87
CA GLN A 153 17.53 5.75 -28.44
C GLN A 153 16.83 6.85 -27.67
N TYR A 154 16.28 6.50 -26.50
CA TYR A 154 15.56 7.48 -25.68
C TYR A 154 16.26 7.90 -24.39
N GLY A 155 16.02 9.14 -24.00
CA GLY A 155 16.59 9.67 -22.77
C GLY A 155 18.10 9.72 -22.65
N ASP A 156 18.57 9.48 -21.42
CA ASP A 156 19.99 9.53 -21.10
C ASP A 156 20.73 8.20 -21.19
N ASN A 157 20.18 7.22 -21.90
CA ASN A 157 20.85 5.93 -22.01
C ASN A 157 20.52 5.17 -23.29
N CYS A 158 21.46 4.33 -23.70
CA CYS A 158 21.32 3.52 -24.90
C CYS A 158 21.00 2.07 -24.50
N GLU A 159 19.93 1.53 -25.07
CA GLU A 159 19.52 0.16 -24.76
C GLU A 159 20.29 -0.88 -25.57
N VAL A 160 21.27 -0.43 -26.34
CA VAL A 160 22.07 -1.34 -27.14
C VAL A 160 23.43 -1.55 -26.47
N CYS A 161 24.24 -0.50 -26.38
CA CYS A 161 25.55 -0.61 -25.75
C CYS A 161 25.49 -0.32 -24.25
N GLY A 162 24.36 0.21 -23.80
CA GLY A 162 24.17 0.50 -22.39
C GLY A 162 24.86 1.76 -21.87
N ALA A 163 25.42 2.55 -22.77
CA ALA A 163 26.10 3.77 -22.37
C ALA A 163 25.11 4.80 -21.80
N THR A 164 25.59 5.62 -20.87
CA THR A 164 24.77 6.65 -20.25
C THR A 164 25.34 8.00 -20.68
N TYR A 165 24.46 9.00 -20.79
CA TYR A 165 24.90 10.32 -21.23
C TYR A 165 23.76 11.32 -21.19
N SER A 166 24.10 12.60 -21.30
CA SER A 166 23.08 13.65 -21.29
C SER A 166 22.40 13.64 -22.66
N PRO A 167 21.07 13.80 -22.70
CA PRO A 167 20.34 13.80 -23.96
C PRO A 167 20.93 14.79 -24.96
N THR A 168 21.64 15.80 -24.45
CA THR A 168 22.26 16.80 -25.30
C THR A 168 23.39 16.18 -26.13
N GLU A 169 23.82 14.99 -25.73
CA GLU A 169 24.90 14.30 -26.42
C GLU A 169 24.37 13.42 -27.55
N LEU A 170 23.05 13.23 -27.59
CA LEU A 170 22.43 12.43 -28.63
C LEU A 170 22.69 13.01 -30.01
N ILE A 171 22.96 12.13 -30.98
CA ILE A 171 23.20 12.55 -32.34
C ILE A 171 21.87 12.71 -33.07
N GLU A 172 21.71 13.80 -33.81
CA GLU A 172 20.47 14.07 -34.53
C GLU A 172 19.26 13.93 -33.62
N PRO A 173 19.21 14.74 -32.54
CA PRO A 173 18.09 14.71 -31.58
C PRO A 173 16.73 14.95 -32.23
N LYS A 174 15.70 14.37 -31.66
CA LYS A 174 14.34 14.52 -32.16
C LYS A 174 13.33 14.50 -31.03
N SER A 175 12.33 15.36 -31.10
CA SER A 175 11.30 15.41 -30.08
C SER A 175 10.38 14.21 -30.22
N VAL A 176 10.13 13.51 -29.12
CA VAL A 176 9.24 12.35 -29.14
C VAL A 176 7.81 12.83 -29.32
N VAL A 177 7.58 14.11 -29.06
CA VAL A 177 6.24 14.69 -29.17
C VAL A 177 5.89 15.16 -30.58
N SER A 178 6.79 15.90 -31.21
CA SER A 178 6.52 16.43 -32.55
C SER A 178 7.48 15.92 -33.63
N GLY A 179 8.64 15.42 -33.20
CA GLY A 179 9.62 14.92 -34.16
C GLY A 179 10.56 16.02 -34.62
N ALA A 180 10.32 17.24 -34.18
CA ALA A 180 11.15 18.37 -34.55
C ALA A 180 12.50 18.28 -33.83
N THR A 181 13.49 19.00 -34.33
CA THR A 181 14.81 19.00 -33.71
C THR A 181 14.80 19.95 -32.53
N PRO A 182 15.11 19.44 -31.33
CA PRO A 182 15.12 20.27 -30.11
C PRO A 182 16.37 21.14 -30.01
N VAL A 183 16.24 22.27 -29.30
CA VAL A 183 17.35 23.20 -29.12
C VAL A 183 17.45 23.62 -27.65
N MET A 184 18.64 24.06 -27.24
CA MET A 184 18.86 24.50 -25.87
C MET A 184 18.20 25.86 -25.67
N ARG A 185 17.43 25.99 -24.60
CA ARG A 185 16.74 27.24 -24.30
C ARG A 185 16.81 27.52 -22.79
N ASP A 186 16.95 28.81 -22.44
CA ASP A 186 17.03 29.22 -21.05
C ASP A 186 15.65 29.41 -20.42
N SER A 187 15.59 29.29 -19.09
CA SER A 187 14.35 29.46 -18.36
C SER A 187 14.61 29.63 -16.87
N GLU A 188 13.86 30.53 -16.24
CA GLU A 188 14.02 30.76 -14.81
C GLU A 188 13.24 29.71 -14.02
N HIS A 189 13.92 29.11 -13.04
CA HIS A 189 13.31 28.09 -12.20
C HIS A 189 13.39 28.47 -10.72
N PHE A 190 12.47 27.90 -9.94
CA PHE A 190 12.43 28.15 -8.50
C PHE A 190 12.96 26.90 -7.81
N PHE A 191 13.85 27.11 -6.83
CA PHE A 191 14.45 25.99 -6.11
C PHE A 191 14.19 26.04 -4.61
N PHE A 192 13.97 24.85 -4.03
CA PHE A 192 13.75 24.74 -2.60
C PHE A 192 15.12 24.46 -1.97
N ASP A 193 15.46 25.24 -0.95
CA ASP A 193 16.75 25.11 -0.29
C ASP A 193 16.85 23.97 0.72
N LEU A 194 16.79 22.75 0.22
CA LEU A 194 16.88 21.56 1.06
C LEU A 194 18.13 21.56 1.95
N PRO A 195 19.28 21.99 1.42
CA PRO A 195 20.52 22.01 2.22
C PRO A 195 20.39 22.72 3.56
N SER A 196 19.48 23.68 3.65
CA SER A 196 19.30 24.42 4.91
C SER A 196 18.77 23.53 6.03
N PHE A 197 18.20 22.38 5.66
CA PHE A 197 17.64 21.48 6.66
C PHE A 197 18.52 20.28 6.96
N SER A 198 19.75 20.30 6.45
CA SER A 198 20.68 19.19 6.65
C SER A 198 20.81 18.70 8.09
N GLU A 199 21.12 19.58 9.02
CA GLU A 199 21.29 19.17 10.42
C GLU A 199 20.02 18.60 11.03
N MET A 200 18.88 19.21 10.74
CA MET A 200 17.60 18.74 11.26
C MET A 200 17.35 17.33 10.74
N LEU A 201 17.59 17.13 9.45
CA LEU A 201 17.37 15.83 8.83
C LEU A 201 18.33 14.77 9.34
N GLN A 202 19.59 15.15 9.57
CA GLN A 202 20.56 14.18 10.08
C GLN A 202 20.16 13.73 11.48
N ALA A 203 19.63 14.65 12.29
CA ALA A 203 19.23 14.30 13.65
C ALA A 203 18.07 13.31 13.61
N TRP A 204 17.16 13.51 12.68
CA TRP A 204 16.01 12.61 12.57
C TRP A 204 16.47 11.21 12.16
N THR A 205 17.46 11.16 11.27
CA THR A 205 17.99 9.89 10.79
C THR A 205 18.58 9.05 11.92
N ARG A 206 19.28 9.69 12.85
CA ARG A 206 19.90 8.97 13.95
C ARG A 206 19.04 8.85 15.20
N SER A 207 17.78 9.29 15.12
CA SER A 207 16.88 9.23 16.26
C SER A 207 16.48 7.80 16.58
N GLY A 208 16.62 6.90 15.60
CA GLY A 208 16.27 5.51 15.80
C GLY A 208 14.84 5.16 15.46
N ALA A 209 14.08 6.12 14.93
CA ALA A 209 12.70 5.88 14.57
C ALA A 209 12.60 5.12 13.24
N LEU A 210 13.36 5.59 12.25
CA LEU A 210 13.36 4.98 10.93
C LEU A 210 13.99 3.59 10.93
N GLN A 211 13.62 2.80 9.92
CA GLN A 211 14.16 1.46 9.77
C GLN A 211 15.66 1.59 9.57
N GLU A 212 16.41 0.65 10.15
CA GLU A 212 17.86 0.63 10.05
C GLU A 212 18.37 0.78 8.62
N GLN A 213 17.81 0.00 7.71
CA GLN A 213 18.21 0.04 6.31
C GLN A 213 17.96 1.39 5.66
N VAL A 214 16.90 2.07 6.11
CA VAL A 214 16.58 3.38 5.57
C VAL A 214 17.57 4.42 6.07
N ALA A 215 17.86 4.38 7.37
CA ALA A 215 18.82 5.32 7.95
C ALA A 215 20.17 5.16 7.25
N ASN A 216 20.54 3.91 6.98
CA ASN A 216 21.82 3.63 6.31
C ASN A 216 21.84 4.30 4.95
N LYS A 217 20.74 4.18 4.21
CA LYS A 217 20.62 4.78 2.88
C LYS A 217 20.74 6.29 2.99
N MET A 218 20.08 6.86 3.98
CA MET A 218 20.12 8.30 4.16
C MET A 218 21.54 8.80 4.39
N GLN A 219 22.36 8.03 5.08
CA GLN A 219 23.74 8.44 5.31
C GLN A 219 24.47 8.56 3.97
N GLU A 220 24.12 7.69 3.02
CA GLU A 220 24.73 7.74 1.70
C GLU A 220 24.37 9.05 1.02
N TRP A 221 23.12 9.47 1.17
CA TRP A 221 22.68 10.70 0.56
C TRP A 221 23.31 11.94 1.19
N PHE A 222 23.51 11.91 2.51
CA PHE A 222 24.15 13.04 3.17
C PHE A 222 25.60 13.12 2.72
N GLU A 223 26.22 11.97 2.54
CA GLU A 223 27.61 11.89 2.11
C GLU A 223 27.76 12.49 0.71
N SER A 224 26.84 12.14 -0.19
CA SER A 224 26.88 12.67 -1.54
C SER A 224 26.65 14.17 -1.49
N GLY A 225 25.85 14.61 -0.54
CA GLY A 225 25.57 16.03 -0.37
C GLY A 225 24.18 16.44 -0.85
N LEU A 226 23.43 17.12 0.00
CA LEU A 226 22.10 17.57 -0.38
C LEU A 226 22.24 18.76 -1.32
N GLN A 227 21.33 18.87 -2.27
CA GLN A 227 21.36 19.95 -3.25
C GLN A 227 20.03 20.68 -3.25
N GLN A 228 20.00 21.86 -3.87
CA GLN A 228 18.76 22.60 -3.96
C GLN A 228 17.90 21.81 -4.92
N TRP A 229 16.58 21.88 -4.70
CA TRP A 229 15.64 21.12 -5.50
C TRP A 229 14.78 22.00 -6.40
N ASP A 230 14.83 21.72 -7.70
CA ASP A 230 14.07 22.45 -8.71
C ASP A 230 12.60 22.07 -8.54
N ILE A 231 11.76 23.02 -8.13
CA ILE A 231 10.35 22.73 -7.92
C ILE A 231 9.40 23.41 -8.89
N SER A 232 9.92 23.94 -9.99
CA SER A 232 9.06 24.59 -10.96
C SER A 232 9.21 24.01 -12.35
N ARG A 233 8.14 24.11 -13.14
CA ARG A 233 8.13 23.63 -14.52
C ARG A 233 7.40 24.65 -15.38
N ASP A 234 7.87 24.84 -16.61
CA ASP A 234 7.25 25.81 -17.50
C ASP A 234 6.03 25.27 -18.24
N ALA A 235 5.17 26.17 -18.66
CA ALA A 235 4.00 25.78 -19.43
C ALA A 235 4.57 25.32 -20.78
N PRO A 236 3.86 24.42 -21.47
CA PRO A 236 2.59 23.81 -21.08
C PRO A 236 2.82 22.76 -19.99
N TYR A 237 1.89 22.69 -19.03
CA TYR A 237 2.02 21.72 -17.95
C TYR A 237 0.67 21.51 -17.30
N PHE A 238 0.43 20.29 -16.82
CA PHE A 238 -0.83 20.00 -16.16
C PHE A 238 -0.51 19.99 -14.67
N GLY A 239 -0.89 21.06 -14.00
CA GLY A 239 -0.63 21.17 -12.57
C GLY A 239 -1.07 22.52 -12.04
N PHE A 240 -0.49 22.91 -10.91
CA PHE A 240 -0.84 24.17 -10.26
C PHE A 240 0.09 25.32 -10.66
N GLU A 241 -0.50 26.45 -11.04
CA GLU A 241 0.28 27.63 -11.39
C GLU A 241 0.89 28.24 -10.15
N ILE A 242 2.12 28.73 -10.26
CA ILE A 242 2.79 29.35 -9.12
C ILE A 242 2.33 30.79 -9.00
N PRO A 243 1.98 31.22 -7.77
CA PRO A 243 1.53 32.59 -7.55
C PRO A 243 2.59 33.61 -7.96
N ASN A 244 2.17 34.69 -8.60
CA ASN A 244 3.08 35.75 -9.01
C ASN A 244 4.09 35.31 -10.07
N ALA A 245 3.91 34.12 -10.64
CA ALA A 245 4.84 33.63 -11.64
C ALA A 245 4.14 33.08 -12.88
N PRO A 246 3.62 33.97 -13.73
CA PRO A 246 2.91 33.58 -14.95
C PRO A 246 3.71 32.58 -15.78
N GLY A 247 3.04 31.53 -16.25
CA GLY A 247 3.70 30.53 -17.08
C GLY A 247 4.56 29.52 -16.32
N LYS A 248 4.55 29.60 -15.00
CA LYS A 248 5.33 28.70 -14.16
C LYS A 248 4.39 27.83 -13.33
N TYR A 249 4.72 26.56 -13.18
CA TYR A 249 3.90 25.63 -12.40
C TYR A 249 4.73 24.89 -11.37
N PHE A 250 4.06 24.36 -10.35
CA PHE A 250 4.74 23.58 -9.33
C PHE A 250 5.04 22.21 -9.92
N TYR A 251 6.28 21.76 -9.76
CA TYR A 251 6.67 20.45 -10.24
C TYR A 251 5.79 19.46 -9.48
N VAL A 252 5.34 18.42 -10.17
CA VAL A 252 4.47 17.42 -9.57
C VAL A 252 4.90 16.90 -8.21
N TRP A 253 6.20 16.65 -8.03
CA TRP A 253 6.66 16.13 -6.74
C TRP A 253 6.59 17.11 -5.58
N LEU A 254 6.37 18.38 -5.88
CA LEU A 254 6.24 19.38 -4.83
C LEU A 254 4.81 19.28 -4.29
N ASP A 255 3.84 19.21 -5.20
CA ASP A 255 2.44 19.15 -4.78
C ASP A 255 1.95 17.75 -4.42
N ALA A 256 2.64 16.71 -4.88
CA ALA A 256 2.21 15.34 -4.59
C ALA A 256 2.05 14.99 -3.11
N PRO A 257 3.12 15.15 -2.30
CA PRO A 257 2.96 14.81 -0.88
C PRO A 257 1.99 15.74 -0.18
N ILE A 258 1.84 16.96 -0.68
CA ILE A 258 0.90 17.88 -0.07
C ILE A 258 -0.48 17.28 -0.27
N GLY A 259 -0.59 16.38 -1.24
CA GLY A 259 -1.84 15.69 -1.51
C GLY A 259 -2.28 14.86 -0.32
N TYR A 260 -1.34 14.44 0.53
CA TYR A 260 -1.67 13.69 1.73
C TYR A 260 -2.50 14.61 2.61
N MET A 261 -2.05 15.86 2.70
CA MET A 261 -2.74 16.87 3.49
C MET A 261 -4.07 17.24 2.84
N GLY A 262 -4.04 17.42 1.52
CA GLY A 262 -5.24 17.78 0.80
C GLY A 262 -6.34 16.75 0.96
N SER A 263 -5.96 15.47 0.95
CA SER A 263 -6.94 14.41 1.09
C SER A 263 -7.55 14.43 2.48
N PHE A 264 -6.73 14.72 3.49
CA PHE A 264 -7.25 14.76 4.85
C PHE A 264 -8.14 15.98 5.04
N LYS A 265 -7.75 17.11 4.45
CA LYS A 265 -8.56 18.32 4.56
C LYS A 265 -9.91 18.04 3.92
N ASN A 266 -9.89 17.39 2.77
CA ASN A 266 -11.12 17.06 2.07
C ASN A 266 -12.02 16.20 2.95
N LEU A 267 -11.43 15.22 3.63
CA LEU A 267 -12.19 14.34 4.51
C LEU A 267 -12.83 15.14 5.64
N CYS A 268 -12.03 15.99 6.27
CA CYS A 268 -12.52 16.81 7.38
C CYS A 268 -13.65 17.72 6.89
N ASP A 269 -13.44 18.38 5.76
CA ASP A 269 -14.44 19.28 5.22
C ASP A 269 -15.76 18.56 4.92
N LYS A 270 -15.67 17.36 4.33
CA LYS A 270 -16.88 16.60 4.03
C LYS A 270 -17.61 16.18 5.29
N ARG A 271 -16.85 15.91 6.35
CA ARG A 271 -17.42 15.51 7.63
C ARG A 271 -17.95 16.71 8.42
N GLY A 272 -17.61 17.91 7.97
CA GLY A 272 -18.04 19.10 8.69
C GLY A 272 -17.22 19.27 9.95
N ASP A 273 -16.05 18.63 9.96
CA ASP A 273 -15.12 18.64 11.09
C ASP A 273 -14.17 19.83 10.92
N SER A 274 -14.32 20.84 11.76
CA SER A 274 -13.49 22.04 11.64
C SER A 274 -12.28 22.09 12.55
N VAL A 275 -12.03 21.02 13.30
CA VAL A 275 -10.88 21.04 14.21
C VAL A 275 -9.81 19.99 13.95
N SER A 276 -10.20 18.85 13.38
CA SER A 276 -9.25 17.78 13.15
C SER A 276 -8.06 18.05 12.24
N PHE A 277 -8.22 18.87 11.21
CA PHE A 277 -7.07 19.11 10.34
C PHE A 277 -5.91 19.70 11.14
N ASP A 278 -6.18 20.76 11.89
CA ASP A 278 -5.12 21.37 12.69
C ASP A 278 -4.64 20.44 13.79
N GLU A 279 -5.53 19.63 14.36
CA GLU A 279 -5.11 18.72 15.42
C GLU A 279 -4.11 17.70 14.91
N TYR A 280 -4.19 17.37 13.61
CA TYR A 280 -3.27 16.41 13.04
C TYR A 280 -2.03 17.00 12.36
N TRP A 281 -2.17 18.22 11.83
CA TRP A 281 -1.05 18.82 11.10
C TRP A 281 -0.28 19.98 11.72
N LYS A 282 -0.82 20.58 12.77
CA LYS A 282 -0.15 21.68 13.46
C LYS A 282 1.12 21.12 14.14
N LYS A 283 2.11 21.99 14.38
CA LYS A 283 3.36 21.56 15.00
C LYS A 283 3.21 20.93 16.38
N ASP A 284 2.21 21.37 17.14
CA ASP A 284 2.00 20.85 18.50
C ASP A 284 1.09 19.64 18.55
N SER A 285 0.88 19.00 17.39
CA SER A 285 0.01 17.84 17.32
C SER A 285 0.44 16.66 18.19
N THR A 286 -0.53 16.01 18.82
CA THR A 286 -0.25 14.82 19.62
C THR A 286 -0.68 13.59 18.84
N ALA A 287 -1.12 13.81 17.61
CA ALA A 287 -1.53 12.70 16.74
C ALA A 287 -0.30 12.14 16.07
N GLU A 288 -0.40 10.90 15.60
CA GLU A 288 0.71 10.22 14.94
C GLU A 288 0.47 10.22 13.44
N LEU A 289 1.53 10.42 12.67
CA LEU A 289 1.47 10.45 11.21
C LEU A 289 2.42 9.43 10.62
N TYR A 290 1.88 8.48 9.85
CA TYR A 290 2.69 7.44 9.25
C TYR A 290 2.49 7.33 7.74
N HIS A 291 3.59 7.14 7.02
CA HIS A 291 3.54 7.00 5.58
C HIS A 291 4.10 5.64 5.16
N PHE A 292 3.29 4.84 4.47
CA PHE A 292 3.74 3.55 3.95
C PHE A 292 4.21 3.85 2.53
N ILE A 293 5.46 3.52 2.23
CA ILE A 293 6.03 3.80 0.91
C ILE A 293 7.01 2.73 0.45
N GLY A 294 7.34 2.79 -0.84
CA GLY A 294 8.28 1.85 -1.43
C GLY A 294 9.67 2.46 -1.39
N LYS A 295 10.69 1.64 -1.54
CA LYS A 295 12.07 2.12 -1.47
C LYS A 295 12.49 3.14 -2.55
N ASP A 296 11.80 3.17 -3.69
CA ASP A 296 12.17 4.11 -4.74
C ASP A 296 11.77 5.56 -4.47
N ILE A 297 10.94 5.80 -3.46
CA ILE A 297 10.52 7.16 -3.16
C ILE A 297 10.87 7.60 -1.75
N VAL A 298 11.86 6.94 -1.16
CA VAL A 298 12.30 7.26 0.19
C VAL A 298 13.00 8.61 0.25
N TYR A 299 13.72 8.97 -0.82
CA TYR A 299 14.43 10.24 -0.85
C TYR A 299 13.43 11.40 -0.66
N PHE A 300 12.34 11.37 -1.43
CA PHE A 300 11.33 12.42 -1.34
C PHE A 300 10.68 12.49 0.04
N HIS A 301 10.32 11.34 0.59
CA HIS A 301 9.66 11.29 1.89
C HIS A 301 10.52 11.49 3.12
N SER A 302 11.80 11.18 3.03
CA SER A 302 12.68 11.30 4.18
C SER A 302 13.50 12.59 4.21
N LEU A 303 13.62 13.24 3.06
CA LEU A 303 14.40 14.47 2.97
C LEU A 303 13.58 15.69 2.55
N PHE A 304 13.08 15.71 1.31
CA PHE A 304 12.31 16.86 0.85
C PHE A 304 11.07 17.15 1.70
N TRP A 305 10.24 16.13 1.89
CA TRP A 305 8.99 16.24 2.64
C TRP A 305 9.12 16.80 4.06
N PRO A 306 9.93 16.16 4.93
CA PRO A 306 10.05 16.70 6.29
C PRO A 306 10.57 18.13 6.28
N ALA A 307 11.46 18.44 5.34
CA ALA A 307 12.02 19.78 5.23
C ALA A 307 10.93 20.77 4.83
N MET A 308 10.10 20.38 3.86
CA MET A 308 9.00 21.24 3.41
C MET A 308 8.05 21.57 4.55
N LEU A 309 7.70 20.55 5.32
CA LEU A 309 6.78 20.71 6.45
C LEU A 309 7.41 21.61 7.52
N GLU A 310 8.67 21.33 7.86
CA GLU A 310 9.39 22.13 8.84
C GLU A 310 9.41 23.60 8.43
N GLY A 311 9.75 23.84 7.16
CA GLY A 311 9.83 25.19 6.64
C GLY A 311 8.51 25.92 6.48
N SER A 312 7.41 25.19 6.54
CA SER A 312 6.08 25.81 6.41
C SER A 312 5.27 25.72 7.70
N ASN A 313 5.96 25.46 8.81
CA ASN A 313 5.34 25.40 10.13
C ASN A 313 4.32 24.29 10.36
N PHE A 314 4.56 23.12 9.79
CA PHE A 314 3.66 21.98 10.00
C PHE A 314 4.45 20.86 10.67
N ARG A 315 3.74 19.91 11.29
CA ARG A 315 4.41 18.79 11.94
C ARG A 315 4.98 17.86 10.88
N LYS A 316 5.95 17.04 11.29
CA LYS A 316 6.60 16.10 10.37
C LYS A 316 6.13 14.68 10.65
N PRO A 317 6.42 13.75 9.73
CA PRO A 317 6.01 12.35 9.91
C PRO A 317 6.55 11.75 11.20
N SER A 318 5.73 10.94 11.87
CA SER A 318 6.17 10.26 13.09
C SER A 318 7.12 9.16 12.65
N ASN A 319 6.81 8.56 11.50
CA ASN A 319 7.66 7.52 10.96
C ASN A 319 7.33 7.20 9.52
N LEU A 320 8.30 6.58 8.85
CA LEU A 320 8.13 6.14 7.46
C LEU A 320 8.23 4.62 7.54
N PHE A 321 7.29 3.94 6.90
CA PHE A 321 7.28 2.48 6.89
C PHE A 321 7.57 2.05 5.45
N VAL A 322 8.80 1.62 5.21
CA VAL A 322 9.25 1.25 3.87
C VAL A 322 9.24 -0.25 3.59
N HIS A 323 8.76 -0.62 2.41
CA HIS A 323 8.72 -2.02 1.99
C HIS A 323 9.56 -2.16 0.71
N GLY A 324 9.93 -3.40 0.39
CA GLY A 324 10.72 -3.64 -0.81
C GLY A 324 9.87 -3.86 -2.04
N TYR A 325 10.51 -4.28 -3.12
CA TYR A 325 9.82 -4.53 -4.38
C TYR A 325 9.11 -5.87 -4.35
N VAL A 326 8.18 -6.06 -5.27
CA VAL A 326 7.46 -7.33 -5.37
C VAL A 326 8.06 -8.04 -6.59
N THR A 327 8.37 -9.32 -6.43
CA THR A 327 8.89 -10.11 -7.54
C THR A 327 7.87 -11.23 -7.71
N VAL A 328 7.84 -11.83 -8.90
CA VAL A 328 6.94 -12.94 -9.15
C VAL A 328 7.84 -14.07 -9.63
N ASN A 329 7.75 -15.22 -8.95
CA ASN A 329 8.59 -16.35 -9.28
C ASN A 329 10.07 -15.99 -9.20
N GLY A 330 10.39 -15.11 -8.24
CA GLY A 330 11.77 -14.71 -8.01
C GLY A 330 12.35 -13.59 -8.85
N ALA A 331 11.63 -13.16 -9.88
CA ALA A 331 12.15 -12.11 -10.74
C ALA A 331 11.21 -10.92 -10.86
N LYS A 332 11.74 -9.80 -11.33
CA LYS A 332 10.94 -8.60 -11.55
C LYS A 332 9.78 -9.02 -12.46
N MET A 333 8.62 -8.42 -12.27
CA MET A 333 7.47 -8.77 -13.11
C MET A 333 7.86 -8.65 -14.57
N SER A 334 7.43 -9.62 -15.36
CA SER A 334 7.75 -9.69 -16.79
C SER A 334 6.50 -9.80 -17.65
N LYS A 335 6.29 -8.83 -18.54
CA LYS A 335 5.13 -8.83 -19.42
C LYS A 335 5.15 -10.05 -20.34
N SER A 336 6.31 -10.37 -20.90
CA SER A 336 6.43 -11.50 -21.82
C SER A 336 6.14 -12.85 -21.15
N ARG A 337 6.46 -12.96 -19.86
CA ARG A 337 6.22 -14.21 -19.14
C ARG A 337 4.85 -14.23 -18.49
N GLY A 338 4.12 -13.12 -18.59
CA GLY A 338 2.80 -13.04 -18.00
C GLY A 338 2.82 -12.88 -16.49
N THR A 339 3.91 -12.32 -15.96
CA THR A 339 4.01 -12.11 -14.52
C THR A 339 3.79 -10.65 -14.14
N PHE A 340 3.52 -9.80 -15.13
CA PHE A 340 3.23 -8.40 -14.86
C PHE A 340 1.71 -8.46 -14.73
N ILE A 341 1.25 -8.60 -13.50
CA ILE A 341 -0.16 -8.78 -13.21
C ILE A 341 -0.90 -7.56 -12.66
N LYS A 342 -2.00 -7.21 -13.32
CA LYS A 342 -2.81 -6.08 -12.89
C LYS A 342 -3.73 -6.52 -11.76
N ALA A 343 -4.05 -5.60 -10.86
CA ALA A 343 -4.94 -5.91 -9.75
C ALA A 343 -6.29 -6.39 -10.25
N SER A 344 -6.82 -5.73 -11.29
CA SER A 344 -8.11 -6.12 -11.84
C SER A 344 -8.06 -7.54 -12.40
N THR A 345 -6.97 -7.88 -13.07
CA THR A 345 -6.84 -9.21 -13.64
C THR A 345 -6.79 -10.26 -12.54
N TRP A 346 -6.04 -9.98 -11.48
CA TRP A 346 -5.94 -10.91 -10.37
C TRP A 346 -7.32 -11.34 -9.87
N LEU A 347 -8.20 -10.36 -9.69
CA LEU A 347 -9.54 -10.63 -9.17
C LEU A 347 -10.42 -11.48 -10.08
N ASN A 348 -10.04 -11.60 -11.35
CA ASN A 348 -10.80 -12.42 -12.31
C ASN A 348 -10.51 -13.89 -12.05
N HIS A 349 -9.37 -14.16 -11.40
CA HIS A 349 -8.91 -15.51 -11.14
C HIS A 349 -8.94 -15.95 -9.68
N PHE A 350 -8.60 -15.04 -8.77
CA PHE A 350 -8.58 -15.37 -7.35
C PHE A 350 -9.29 -14.31 -6.54
N ASP A 351 -9.52 -14.59 -5.26
CA ASP A 351 -10.17 -13.58 -4.42
C ASP A 351 -9.08 -12.71 -3.80
N ALA A 352 -9.50 -11.63 -3.17
CA ALA A 352 -8.55 -10.71 -2.53
C ALA A 352 -7.87 -11.32 -1.31
N ASP A 353 -8.62 -12.05 -0.50
CA ASP A 353 -8.06 -12.66 0.71
C ASP A 353 -6.83 -13.51 0.45
N SER A 354 -6.81 -14.26 -0.64
CA SER A 354 -5.67 -15.13 -0.93
C SER A 354 -4.37 -14.36 -1.06
N LEU A 355 -4.38 -13.28 -1.83
CA LEU A 355 -3.18 -12.47 -2.00
C LEU A 355 -2.85 -11.73 -0.71
N ARG A 356 -3.87 -11.23 -0.03
CA ARG A 356 -3.65 -10.52 1.22
C ARG A 356 -2.92 -11.45 2.21
N TYR A 357 -3.38 -12.70 2.29
CA TYR A 357 -2.76 -13.65 3.20
C TYR A 357 -1.32 -13.96 2.81
N TYR A 358 -1.10 -14.28 1.54
CA TYR A 358 0.23 -14.62 1.06
C TYR A 358 1.25 -13.50 1.33
N TYR A 359 0.89 -12.27 0.95
CA TYR A 359 1.78 -11.13 1.17
C TYR A 359 2.05 -10.96 2.66
N THR A 360 1.00 -11.05 3.47
CA THR A 360 1.14 -10.88 4.89
C THR A 360 2.06 -11.93 5.51
N ALA A 361 1.97 -13.18 5.03
CA ALA A 361 2.80 -14.25 5.55
C ALA A 361 4.28 -14.02 5.23
N LYS A 362 4.55 -13.22 4.20
CA LYS A 362 5.93 -12.96 3.80
C LYS A 362 6.49 -11.61 4.26
N LEU A 363 5.61 -10.71 4.68
CA LEU A 363 6.04 -9.38 5.10
C LEU A 363 6.75 -9.31 6.44
N SER A 364 7.66 -8.35 6.57
CA SER A 364 8.40 -8.14 7.81
C SER A 364 8.56 -6.65 8.02
N SER A 365 9.31 -6.28 9.05
CA SER A 365 9.54 -4.87 9.36
C SER A 365 10.73 -4.33 8.58
N ARG A 366 11.33 -5.17 7.74
CA ARG A 366 12.50 -4.76 6.94
C ARG A 366 12.10 -4.34 5.53
N ILE A 367 13.05 -3.81 4.76
CA ILE A 367 12.74 -3.37 3.39
C ILE A 367 13.06 -4.37 2.28
N ASP A 368 13.22 -5.64 2.64
CA ASP A 368 13.53 -6.70 1.68
C ASP A 368 12.41 -6.93 0.66
N ASP A 369 12.78 -7.39 -0.53
CA ASP A 369 11.79 -7.66 -1.57
C ASP A 369 10.88 -8.81 -1.16
N ILE A 370 9.65 -8.79 -1.65
CA ILE A 370 8.67 -9.83 -1.33
C ILE A 370 8.42 -10.62 -2.60
N ASP A 371 8.61 -11.93 -2.53
CA ASP A 371 8.42 -12.77 -3.70
C ASP A 371 7.09 -13.51 -3.73
N LEU A 372 6.37 -13.37 -4.83
CA LEU A 372 5.11 -14.08 -5.02
C LEU A 372 5.45 -15.28 -5.92
N ASN A 373 5.74 -16.41 -5.29
CA ASN A 373 6.03 -17.62 -6.05
C ASN A 373 4.66 -18.25 -6.25
N LEU A 374 4.21 -18.32 -7.50
CA LEU A 374 2.88 -18.85 -7.78
C LEU A 374 2.63 -20.28 -7.34
N GLU A 375 3.63 -21.14 -7.47
CA GLU A 375 3.49 -22.53 -7.02
C GLU A 375 3.27 -22.54 -5.52
N ASP A 376 4.11 -21.78 -4.81
CA ASP A 376 4.03 -21.69 -3.36
C ASP A 376 2.71 -21.06 -2.91
N PHE A 377 2.21 -20.14 -3.73
CA PHE A 377 0.95 -19.46 -3.43
C PHE A 377 -0.17 -20.48 -3.30
N VAL A 378 -0.31 -21.35 -4.30
CA VAL A 378 -1.35 -22.36 -4.27
C VAL A 378 -1.18 -23.27 -3.04
N GLN A 379 0.03 -23.75 -2.83
CA GLN A 379 0.32 -24.63 -1.71
C GLN A 379 0.07 -24.00 -0.34
N ARG A 380 0.50 -22.75 -0.18
CA ARG A 380 0.34 -22.07 1.10
C ARG A 380 -1.12 -21.72 1.43
N VAL A 381 -1.87 -21.23 0.45
CA VAL A 381 -3.27 -20.89 0.69
C VAL A 381 -4.06 -22.13 1.06
N ASN A 382 -3.87 -23.21 0.31
CA ASN A 382 -4.60 -24.45 0.60
C ASN A 382 -4.19 -25.05 1.94
N ALA A 383 -2.89 -25.02 2.24
CA ALA A 383 -2.41 -25.60 3.48
C ALA A 383 -2.78 -24.83 4.74
N ASP A 384 -2.65 -23.52 4.68
CA ASP A 384 -2.93 -22.67 5.84
C ASP A 384 -4.37 -22.23 6.01
N ILE A 385 -4.97 -21.67 4.98
CA ILE A 385 -6.34 -21.19 5.07
C ILE A 385 -7.36 -22.32 5.07
N VAL A 386 -7.35 -23.12 4.00
CA VAL A 386 -8.30 -24.22 3.89
C VAL A 386 -8.08 -25.37 4.88
N ASN A 387 -6.87 -25.90 4.94
CA ASN A 387 -6.60 -27.03 5.82
C ASN A 387 -6.24 -26.82 7.27
N LYS A 388 -5.90 -25.61 7.67
CA LYS A 388 -5.56 -25.38 9.07
C LYS A 388 -6.59 -24.53 9.80
N VAL A 389 -6.96 -23.42 9.21
CA VAL A 389 -7.92 -22.53 9.85
C VAL A 389 -9.38 -22.85 9.56
N VAL A 390 -9.78 -22.78 8.30
CA VAL A 390 -11.17 -23.05 7.94
C VAL A 390 -11.59 -24.48 8.31
N ASN A 391 -10.65 -25.41 8.25
CA ASN A 391 -10.91 -26.80 8.58
C ASN A 391 -11.45 -26.96 9.99
N LEU A 392 -10.99 -26.10 10.89
CA LEU A 392 -11.42 -26.11 12.28
C LEU A 392 -12.92 -25.87 12.38
N ALA A 393 -13.45 -25.05 11.48
CA ALA A 393 -14.87 -24.76 11.47
C ALA A 393 -15.65 -25.80 10.67
N SER A 394 -15.16 -26.12 9.48
CA SER A 394 -15.83 -27.07 8.61
C SER A 394 -15.91 -28.50 9.14
N ARG A 395 -14.91 -28.94 9.89
CA ARG A 395 -14.91 -30.30 10.42
C ARG A 395 -15.78 -30.45 11.66
N ASN A 396 -16.14 -29.33 12.28
CA ASN A 396 -16.94 -29.36 13.51
C ASN A 396 -18.37 -28.82 13.41
N ALA A 397 -18.59 -27.85 12.53
CA ALA A 397 -19.91 -27.24 12.38
C ALA A 397 -21.02 -28.21 12.02
N GLY A 398 -20.73 -29.19 11.17
CA GLY A 398 -21.74 -30.15 10.77
C GLY A 398 -22.42 -30.87 11.91
N PHE A 399 -21.62 -31.40 12.83
CA PHE A 399 -22.16 -32.12 13.98
C PHE A 399 -23.01 -31.20 14.86
N ILE A 400 -22.54 -29.98 15.07
CA ILE A 400 -23.27 -29.04 15.90
C ILE A 400 -24.62 -28.71 15.29
N ASN A 401 -24.64 -28.47 13.99
CA ASN A 401 -25.89 -28.13 13.31
C ASN A 401 -26.86 -29.30 13.20
N LYS A 402 -26.36 -30.48 12.89
CA LYS A 402 -27.24 -31.64 12.73
C LYS A 402 -27.62 -32.39 13.99
N ARG A 403 -26.69 -32.52 14.93
CA ARG A 403 -26.95 -33.26 16.16
C ARG A 403 -27.37 -32.40 17.35
N PHE A 404 -27.03 -31.12 17.33
CA PHE A 404 -27.35 -30.26 18.47
C PHE A 404 -28.07 -28.96 18.18
N ASP A 405 -28.80 -28.94 17.07
CA ASP A 405 -29.59 -27.76 16.68
C ASP A 405 -28.78 -26.46 16.62
N GLY A 406 -27.51 -26.58 16.25
CA GLY A 406 -26.66 -25.40 16.13
C GLY A 406 -26.22 -24.77 17.44
N VAL A 407 -26.47 -25.44 18.55
CA VAL A 407 -26.09 -24.88 19.85
C VAL A 407 -24.78 -25.41 20.39
N LEU A 408 -23.87 -24.50 20.73
CA LEU A 408 -22.57 -24.87 21.27
C LEU A 408 -22.69 -25.27 22.75
N ALA A 409 -21.74 -26.07 23.21
CA ALA A 409 -21.69 -26.55 24.59
C ALA A 409 -21.71 -25.42 25.61
N SER A 410 -22.19 -25.71 26.81
CA SER A 410 -22.28 -24.71 27.86
C SER A 410 -20.96 -24.41 28.57
N GLU A 411 -19.96 -25.25 28.36
CA GLU A 411 -18.64 -25.04 28.96
C GLU A 411 -17.53 -25.49 28.02
N LEU A 412 -16.34 -24.93 28.21
CA LEU A 412 -15.18 -25.29 27.39
C LEU A 412 -14.72 -26.70 27.80
N ALA A 413 -14.46 -27.54 26.81
CA ALA A 413 -14.01 -28.90 27.08
C ALA A 413 -12.57 -28.92 27.58
N ASP A 414 -11.76 -27.98 27.10
CA ASP A 414 -10.35 -27.89 27.49
C ASP A 414 -9.96 -26.45 27.76
N PRO A 415 -10.30 -25.94 28.94
CA PRO A 415 -9.99 -24.56 29.35
C PRO A 415 -8.51 -24.21 29.26
N GLN A 416 -7.63 -25.15 29.62
CA GLN A 416 -6.20 -24.89 29.56
C GLN A 416 -5.77 -24.58 28.14
N LEU A 417 -6.24 -25.38 27.19
CA LEU A 417 -5.88 -25.17 25.80
C LEU A 417 -6.40 -23.82 25.33
N TYR A 418 -7.63 -23.48 25.74
CA TYR A 418 -8.21 -22.20 25.33
C TYR A 418 -7.35 -21.06 25.87
N LYS A 419 -6.87 -21.18 27.11
CA LYS A 419 -6.04 -20.14 27.69
C LYS A 419 -4.73 -19.99 26.92
N THR A 420 -4.20 -21.08 26.42
CA THR A 420 -2.97 -21.03 25.64
C THR A 420 -3.22 -20.12 24.44
N PHE A 421 -4.41 -20.25 23.85
CA PHE A 421 -4.79 -19.44 22.70
C PHE A 421 -4.98 -17.97 23.02
N THR A 422 -5.69 -17.67 24.10
CA THR A 422 -5.91 -16.27 24.46
C THR A 422 -4.64 -15.60 25.00
N ASP A 423 -3.77 -16.39 25.63
CA ASP A 423 -2.50 -15.88 26.16
C ASP A 423 -1.59 -15.38 25.05
N ALA A 424 -1.80 -15.88 23.84
CA ALA A 424 -0.97 -15.49 22.70
C ALA A 424 -1.32 -14.14 22.10
N ALA A 425 -2.44 -13.57 22.53
CA ALA A 425 -2.88 -12.29 21.99
C ALA A 425 -1.84 -11.17 22.11
N GLU A 426 -1.18 -11.08 23.25
CA GLU A 426 -0.19 -10.03 23.45
C GLU A 426 0.94 -10.08 22.42
N VAL A 427 1.57 -11.24 22.27
CA VAL A 427 2.67 -11.39 21.31
C VAL A 427 2.22 -11.22 19.86
N ILE A 428 1.04 -11.74 19.53
CA ILE A 428 0.55 -11.62 18.17
C ILE A 428 0.19 -10.16 17.86
N GLY A 429 -0.45 -9.49 18.82
CA GLY A 429 -0.80 -8.09 18.61
C GLY A 429 0.45 -7.24 18.46
N GLU A 430 1.48 -7.57 19.24
CA GLU A 430 2.73 -6.83 19.15
C GLU A 430 3.38 -7.05 17.79
N ALA A 431 3.15 -8.23 17.22
CA ALA A 431 3.71 -8.54 15.92
C ALA A 431 2.98 -7.70 14.86
N TRP A 432 1.66 -7.59 14.97
CA TRP A 432 0.92 -6.76 14.02
C TRP A 432 1.38 -5.32 14.17
N GLU A 433 1.44 -4.86 15.43
CA GLU A 433 1.84 -3.50 15.73
C GLU A 433 3.21 -3.12 15.15
N SER A 434 4.18 -4.01 15.31
CA SER A 434 5.55 -3.76 14.83
C SER A 434 5.76 -4.08 13.35
N ARG A 435 4.69 -4.46 12.67
CA ARG A 435 4.72 -4.80 11.25
C ARG A 435 5.49 -6.07 10.95
N GLU A 436 5.69 -6.90 11.98
CA GLU A 436 6.36 -8.19 11.81
C GLU A 436 5.24 -9.16 11.47
N PHE A 437 4.65 -8.94 10.29
CA PHE A 437 3.53 -9.74 9.82
C PHE A 437 3.84 -11.23 9.70
N GLY A 438 4.99 -11.55 9.13
CA GLY A 438 5.37 -12.94 8.97
C GLY A 438 5.40 -13.64 10.31
N LYS A 439 5.88 -12.95 11.34
CA LYS A 439 5.94 -13.50 12.68
C LYS A 439 4.54 -13.75 13.22
N ALA A 440 3.64 -12.79 13.02
CA ALA A 440 2.28 -12.94 13.49
C ALA A 440 1.62 -14.17 12.85
N VAL A 441 1.79 -14.31 11.54
CA VAL A 441 1.20 -15.44 10.82
C VAL A 441 1.79 -16.76 11.31
N ARG A 442 3.10 -16.81 11.54
CA ARG A 442 3.71 -18.03 12.02
C ARG A 442 3.15 -18.41 13.39
N GLU A 443 2.98 -17.42 14.26
CA GLU A 443 2.43 -17.68 15.58
C GLU A 443 0.99 -18.16 15.49
N ILE A 444 0.22 -17.53 14.61
CA ILE A 444 -1.18 -17.91 14.43
C ILE A 444 -1.30 -19.33 13.87
N MET A 445 -0.45 -19.65 12.90
CA MET A 445 -0.49 -20.98 12.31
C MET A 445 0.00 -22.05 13.28
N ALA A 446 0.89 -21.68 14.20
CA ALA A 446 1.38 -22.63 15.20
C ALA A 446 0.20 -22.98 16.09
N LEU A 447 -0.64 -21.99 16.39
CA LEU A 447 -1.82 -22.21 17.21
C LEU A 447 -2.79 -23.09 16.42
N ALA A 448 -2.92 -22.81 15.12
CA ALA A 448 -3.82 -23.60 14.29
C ALA A 448 -3.40 -25.07 14.34
N ASP A 449 -2.09 -25.33 14.35
CA ASP A 449 -1.61 -26.70 14.42
C ASP A 449 -2.03 -27.36 15.73
N LEU A 450 -1.95 -26.63 16.83
CA LEU A 450 -2.34 -27.16 18.14
C LEU A 450 -3.84 -27.47 18.14
N ALA A 451 -4.63 -26.60 17.52
CA ALA A 451 -6.07 -26.78 17.46
C ALA A 451 -6.41 -28.06 16.70
N ASN A 452 -5.76 -28.24 15.56
CA ASN A 452 -6.03 -29.43 14.76
C ASN A 452 -5.51 -30.69 15.44
N ARG A 453 -4.46 -30.55 16.24
CA ARG A 453 -3.91 -31.70 16.96
C ARG A 453 -4.95 -32.09 18.01
N TYR A 454 -5.55 -31.09 18.65
CA TYR A 454 -6.58 -31.34 19.66
C TYR A 454 -7.74 -32.12 19.04
N VAL A 455 -8.23 -31.66 17.89
CA VAL A 455 -9.35 -32.35 17.25
C VAL A 455 -8.98 -33.78 16.89
N ASP A 456 -7.77 -33.97 16.38
CA ASP A 456 -7.32 -35.31 16.02
C ASP A 456 -7.23 -36.21 17.26
N GLU A 457 -6.77 -35.64 18.36
CA GLU A 457 -6.64 -36.40 19.61
C GLU A 457 -8.01 -36.82 20.12
N GLN A 458 -9.01 -35.97 19.91
CA GLN A 458 -10.36 -36.25 20.36
C GLN A 458 -11.13 -37.15 19.40
N ALA A 459 -10.74 -37.11 18.12
CA ALA A 459 -11.36 -37.91 17.07
C ALA A 459 -12.89 -37.88 17.09
N PRO A 460 -13.48 -36.72 16.78
CA PRO A 460 -14.94 -36.62 16.76
C PRO A 460 -15.65 -37.56 15.79
N TRP A 461 -14.96 -37.94 14.70
CA TRP A 461 -15.54 -38.84 13.71
C TRP A 461 -15.72 -40.22 14.33
N VAL A 462 -14.98 -40.49 15.40
CA VAL A 462 -15.06 -41.77 16.10
C VAL A 462 -16.13 -41.66 17.18
N VAL A 463 -16.07 -40.57 17.95
CA VAL A 463 -17.02 -40.32 19.02
C VAL A 463 -18.46 -40.22 18.50
N ALA A 464 -18.61 -39.69 17.29
CA ALA A 464 -19.92 -39.51 16.68
C ALA A 464 -20.68 -40.82 16.48
N LYS A 465 -19.96 -41.89 16.18
CA LYS A 465 -20.59 -43.19 15.95
C LYS A 465 -20.67 -44.08 17.19
N GLN A 466 -20.35 -43.53 18.35
CA GLN A 466 -20.39 -44.31 19.59
C GLN A 466 -21.58 -43.90 20.46
N GLU A 467 -22.46 -44.87 20.73
CA GLU A 467 -23.65 -44.65 21.53
C GLU A 467 -23.42 -43.99 22.89
N GLY A 468 -24.28 -43.04 23.23
CA GLY A 468 -24.19 -42.36 24.51
C GLY A 468 -23.11 -41.31 24.64
N ARG A 469 -22.40 -41.01 23.56
CA ARG A 469 -21.33 -40.03 23.60
C ARG A 469 -21.75 -38.67 23.02
N ASP A 470 -23.05 -38.43 22.94
CA ASP A 470 -23.57 -37.19 22.39
C ASP A 470 -22.99 -35.94 23.07
N ALA A 471 -23.06 -35.91 24.39
CA ALA A 471 -22.54 -34.78 25.15
C ALA A 471 -21.06 -34.53 24.86
N ASP A 472 -20.31 -35.62 24.75
CA ASP A 472 -18.88 -35.54 24.46
C ASP A 472 -18.65 -34.96 23.07
N LEU A 473 -19.43 -35.40 22.09
CA LEU A 473 -19.29 -34.91 20.73
C LEU A 473 -19.51 -33.40 20.67
N GLN A 474 -20.58 -32.94 21.32
CA GLN A 474 -20.88 -31.51 21.33
C GLN A 474 -19.73 -30.75 21.99
N ALA A 475 -19.19 -31.31 23.06
CA ALA A 475 -18.08 -30.67 23.77
C ALA A 475 -16.85 -30.51 22.87
N ILE A 476 -16.48 -31.60 22.19
CA ILE A 476 -15.33 -31.59 21.30
C ILE A 476 -15.50 -30.59 20.15
N CYS A 477 -16.62 -30.67 19.46
CA CYS A 477 -16.86 -29.79 18.33
C CYS A 477 -16.98 -28.32 18.72
N SER A 478 -17.54 -28.06 19.90
CA SER A 478 -17.69 -26.68 20.36
C SER A 478 -16.32 -26.11 20.68
N MET A 479 -15.44 -26.95 21.21
CA MET A 479 -14.09 -26.52 21.55
C MET A 479 -13.37 -26.11 20.27
N GLY A 480 -13.49 -26.94 19.23
CA GLY A 480 -12.85 -26.61 17.96
C GLY A 480 -13.36 -25.31 17.39
N ILE A 481 -14.66 -25.08 17.48
CA ILE A 481 -15.24 -23.85 16.96
C ILE A 481 -14.76 -22.64 17.75
N ASN A 482 -14.58 -22.80 19.06
CA ASN A 482 -14.10 -21.68 19.85
C ASN A 482 -12.64 -21.37 19.52
N LEU A 483 -11.86 -22.40 19.19
CA LEU A 483 -10.47 -22.16 18.83
C LEU A 483 -10.48 -21.42 17.49
N PHE A 484 -11.42 -21.78 16.62
CA PHE A 484 -11.56 -21.13 15.31
C PHE A 484 -11.88 -19.65 15.54
N ARG A 485 -12.77 -19.38 16.48
CA ARG A 485 -13.17 -18.01 16.81
C ARG A 485 -11.94 -17.16 17.14
N VAL A 486 -11.06 -17.70 17.99
CA VAL A 486 -9.85 -16.98 18.38
C VAL A 486 -8.93 -16.76 17.18
N LEU A 487 -8.69 -17.81 16.40
CA LEU A 487 -7.82 -17.69 15.23
C LEU A 487 -8.31 -16.66 14.23
N MET A 488 -9.61 -16.64 13.97
CA MET A 488 -10.17 -15.69 13.01
C MET A 488 -10.09 -14.27 13.54
N THR A 489 -10.03 -14.12 14.86
CA THR A 489 -9.91 -12.80 15.45
C THR A 489 -8.51 -12.28 15.17
N TYR A 490 -7.51 -13.14 15.35
CA TYR A 490 -6.13 -12.74 15.10
C TYR A 490 -5.88 -12.48 13.62
N LEU A 491 -6.64 -13.16 12.77
CA LEU A 491 -6.51 -13.00 11.32
C LEU A 491 -7.47 -11.98 10.71
N LYS A 492 -8.32 -11.37 11.55
CA LYS A 492 -9.29 -10.41 11.03
C LYS A 492 -8.67 -9.27 10.22
N PRO A 493 -7.51 -8.74 10.64
CA PRO A 493 -6.92 -7.64 9.86
C PRO A 493 -6.46 -8.10 8.48
N VAL A 494 -6.18 -9.40 8.37
CA VAL A 494 -5.67 -9.98 7.14
C VAL A 494 -6.71 -10.46 6.11
N LEU A 495 -7.77 -11.09 6.59
CA LEU A 495 -8.79 -11.66 5.71
C LEU A 495 -10.18 -11.10 5.98
N PRO A 496 -10.45 -9.87 5.50
CA PRO A 496 -11.74 -9.21 5.71
C PRO A 496 -12.98 -9.99 5.25
N LYS A 497 -12.94 -10.57 4.06
CA LYS A 497 -14.11 -11.30 3.57
C LYS A 497 -14.34 -12.62 4.27
N LEU A 498 -13.29 -13.39 4.48
CA LEU A 498 -13.44 -14.66 5.19
C LEU A 498 -13.93 -14.33 6.60
N THR A 499 -13.44 -13.23 7.16
CA THR A 499 -13.86 -12.83 8.50
C THR A 499 -15.36 -12.56 8.53
N GLU A 500 -15.89 -11.89 7.50
CA GLU A 500 -17.32 -11.61 7.47
C GLU A 500 -18.10 -12.93 7.42
N ARG A 501 -17.63 -13.88 6.63
CA ARG A 501 -18.31 -15.16 6.52
C ARG A 501 -18.23 -15.90 7.85
N ALA A 502 -17.10 -15.76 8.54
CA ALA A 502 -16.91 -16.40 9.84
C ALA A 502 -17.84 -15.77 10.88
N GLU A 503 -18.00 -14.45 10.83
CA GLU A 503 -18.85 -13.76 11.79
C GLU A 503 -20.32 -14.11 11.55
N ALA A 504 -20.67 -14.37 10.30
CA ALA A 504 -22.04 -14.75 9.98
C ALA A 504 -22.31 -16.15 10.55
N PHE A 505 -21.34 -17.05 10.41
CA PHE A 505 -21.46 -18.40 10.92
C PHE A 505 -21.55 -18.40 12.45
N LEU A 506 -20.64 -17.66 13.07
CA LEU A 506 -20.57 -17.58 14.52
C LEU A 506 -21.65 -16.71 15.18
N ASN A 507 -22.37 -15.94 14.38
CA ASN A 507 -23.42 -15.07 14.92
C ASN A 507 -22.82 -14.08 15.93
N THR A 508 -21.67 -13.52 15.58
CA THR A 508 -21.03 -12.56 16.46
C THR A 508 -19.92 -11.81 15.75
N GLU A 509 -19.78 -10.53 16.11
CA GLU A 509 -18.72 -9.71 15.55
C GLU A 509 -17.47 -10.13 16.30
N LEU A 510 -16.33 -10.19 15.61
CA LEU A 510 -15.10 -10.58 16.28
C LEU A 510 -14.35 -9.34 16.74
N THR A 511 -14.11 -9.24 18.05
CA THR A 511 -13.38 -8.11 18.61
C THR A 511 -12.14 -8.66 19.29
N TRP A 512 -11.11 -7.84 19.40
CA TRP A 512 -9.87 -8.29 20.01
C TRP A 512 -10.04 -8.76 21.45
N ASP A 513 -10.77 -8.00 22.26
CA ASP A 513 -10.96 -8.39 23.66
C ASP A 513 -12.02 -9.47 23.84
N GLY A 514 -12.88 -9.63 22.83
CA GLY A 514 -13.94 -10.62 22.90
C GLY A 514 -13.51 -12.06 23.10
N ILE A 515 -12.30 -12.40 22.69
CA ILE A 515 -11.83 -13.77 22.83
C ILE A 515 -11.75 -14.21 24.29
N GLN A 516 -11.74 -13.26 25.21
CA GLN A 516 -11.66 -13.58 26.63
C GLN A 516 -12.96 -14.21 27.12
N GLN A 517 -14.01 -14.10 26.32
CA GLN A 517 -15.31 -14.70 26.64
C GLN A 517 -15.67 -15.71 25.56
N PRO A 518 -15.38 -17.00 25.78
CA PRO A 518 -15.73 -17.96 24.73
C PRO A 518 -17.23 -18.03 24.47
N LEU A 519 -17.60 -18.59 23.32
CA LEU A 519 -19.00 -18.72 22.95
C LEU A 519 -19.52 -19.99 23.64
N LEU A 520 -20.44 -19.80 24.59
CA LEU A 520 -21.01 -20.91 25.36
C LEU A 520 -22.54 -20.85 25.30
N GLY A 521 -23.18 -22.01 25.12
CA GLY A 521 -24.64 -22.07 25.04
C GLY A 521 -25.06 -21.02 24.02
N HIS A 522 -24.36 -21.06 22.89
CA HIS A 522 -24.51 -20.11 21.81
C HIS A 522 -24.90 -20.74 20.47
N LYS A 523 -25.87 -20.14 19.79
CA LYS A 523 -26.34 -20.65 18.51
C LYS A 523 -25.48 -20.18 17.34
N VAL A 524 -25.05 -21.13 16.50
CA VAL A 524 -24.27 -20.80 15.31
C VAL A 524 -25.14 -21.11 14.11
N ASN A 525 -24.80 -20.57 12.95
CA ASN A 525 -25.58 -20.79 11.75
C ASN A 525 -24.91 -21.75 10.78
N PRO A 526 -25.70 -22.42 9.93
CA PRO A 526 -25.12 -23.35 8.98
C PRO A 526 -24.43 -22.49 7.93
N PHE A 527 -23.42 -23.04 7.27
CA PHE A 527 -22.75 -22.28 6.24
C PHE A 527 -22.34 -23.20 5.11
N LYS A 528 -22.16 -22.59 3.95
CA LYS A 528 -21.71 -23.26 2.76
C LYS A 528 -20.24 -22.87 2.67
N ALA A 529 -19.45 -23.64 1.94
CA ALA A 529 -18.00 -23.40 1.79
C ALA A 529 -17.46 -22.03 2.20
N LEU A 530 -16.78 -21.96 3.36
CA LEU A 530 -16.19 -20.70 3.82
C LEU A 530 -15.00 -20.31 2.95
N TYR A 531 -14.29 -21.31 2.44
CA TYR A 531 -13.12 -21.08 1.61
C TYR A 531 -12.75 -22.35 0.85
N ASN A 532 -12.75 -22.26 -0.48
CA ASN A 532 -12.43 -23.39 -1.34
C ASN A 532 -10.97 -23.43 -1.75
N ARG A 533 -10.48 -24.62 -2.05
CA ARG A 533 -9.10 -24.81 -2.49
C ARG A 533 -8.90 -24.21 -3.87
N ILE A 534 -7.64 -23.86 -4.17
CA ILE A 534 -7.29 -23.32 -5.47
C ILE A 534 -6.30 -24.31 -6.09
N ASP A 535 -6.00 -24.16 -7.37
CA ASP A 535 -5.06 -25.07 -8.01
C ASP A 535 -4.20 -24.41 -9.07
N MET A 536 -3.14 -25.10 -9.48
CA MET A 536 -2.21 -24.57 -10.47
C MET A 536 -2.85 -24.24 -11.82
N ARG A 537 -3.98 -24.87 -12.13
CA ARG A 537 -4.63 -24.58 -13.40
C ARG A 537 -5.10 -23.13 -13.42
N GLN A 538 -5.52 -22.64 -12.25
CA GLN A 538 -5.98 -21.26 -12.13
C GLN A 538 -4.78 -20.31 -12.27
N VAL A 539 -3.63 -20.73 -11.74
CA VAL A 539 -2.43 -19.92 -11.84
C VAL A 539 -2.00 -19.83 -13.29
N GLU A 540 -2.07 -20.95 -14.00
CA GLU A 540 -1.71 -20.99 -15.41
C GLU A 540 -2.61 -20.06 -16.20
N ALA A 541 -3.90 -20.04 -15.86
CA ALA A 541 -4.85 -19.18 -16.55
C ALA A 541 -4.54 -17.70 -16.29
N LEU A 542 -4.16 -17.39 -15.06
CA LEU A 542 -3.82 -16.01 -14.70
C LEU A 542 -2.63 -15.53 -15.53
N VAL A 543 -1.61 -16.37 -15.61
CA VAL A 543 -0.41 -16.04 -16.37
C VAL A 543 -0.72 -15.87 -17.86
N GLU A 544 -1.51 -16.78 -18.42
CA GLU A 544 -1.87 -16.69 -19.83
C GLU A 544 -2.68 -15.44 -20.12
N ALA A 545 -3.61 -15.11 -19.22
CA ALA A 545 -4.44 -13.93 -19.39
C ALA A 545 -3.55 -12.69 -19.35
N SER A 546 -2.56 -12.71 -18.48
CA SER A 546 -1.65 -11.59 -18.33
C SER A 546 -0.76 -11.41 -19.55
N LYS A 547 -0.37 -12.52 -20.18
CA LYS A 547 0.47 -12.45 -21.38
C LYS A 547 -0.33 -11.81 -22.51
N GLU A 548 -1.57 -12.25 -22.66
CA GLU A 548 -2.47 -11.76 -23.71
C GLU A 548 -2.81 -10.27 -23.64
N GLU A 549 -2.76 -9.70 -22.44
CA GLU A 549 -3.09 -8.29 -22.27
C GLU A 549 -2.08 -7.39 -22.96
N VAL A 550 -0.80 -7.60 -22.66
CA VAL A 550 0.28 -6.82 -23.24
C VAL A 550 0.76 -7.45 -24.55
ZN ZN B . 24.92 2.96 -27.68
O 2FM C . 3.96 6.52 -8.01
C 2FM C . 4.81 7.25 -7.48
OXT 2FM C . 5.99 6.94 -7.39
CA 2FM C . 4.35 8.59 -6.91
N 2FM C . 3.08 8.80 -7.57
CB 2FM C . 4.22 8.53 -5.39
CG 2FM C . 3.77 9.85 -4.77
SD 2FM C . 3.65 9.65 -2.99
CE 2FM C . 3.34 11.35 -2.42
FZ1 2FM C . 2.35 11.87 -3.14
FZ2 2FM C . 4.44 12.08 -2.62
#